data_4J2G
#
_entry.id   4J2G
#
_cell.length_a   118.650
_cell.length_b   65.670
_cell.length_c   85.760
_cell.angle_alpha   90.00
_cell.angle_beta   101.46
_cell.angle_gamma   90.00
#
_symmetry.space_group_name_H-M   'C 1 2 1'
#
loop_
_entity.id
_entity.type
_entity.pdbx_description
1 polymer KLTH0A00704p
2 non-polymer 'SULFATE ION'
3 water water
#
_entity_poly.entity_id   1
_entity_poly.type   'polypeptide(L)'
_entity_poly.pdbx_seq_one_letter_code
;GA(MSE)GSGIQRPTST(MSE)TTSLDKQLWELIDNFFLKAALLICHSKGWKGAPAADEGPPTTNSWFNIETFGDTKLER
ELKPWTTFDGSESLPPLVIETYLDLARLSPSQQVTLKDQDGNPWNVCKGTKKSEI(MSE)LERWLIQ(MSE)DNGEDSPS
LQSSGSEDTDDNVSELYRQLVLLFRYLETLVGLLPASELQARLIRPGVSPEAPPPVKLGTRILDGSKPIVSKGRIGLSKS
LIATYSNVINETNLPAHLEQRKITPIRTKFGSLRISVSYRKDCDFHVNG
;
_entity_poly.pdbx_strand_id   A,B
#
# COMPACT_ATOMS: atom_id res chain seq x y z
N SER A 17 -18.19 -23.80 -23.69
CA SER A 17 -18.56 -22.40 -24.08
C SER A 17 -18.30 -21.39 -22.94
N LEU A 18 -19.28 -21.30 -22.02
CA LEU A 18 -19.16 -20.63 -20.74
C LEU A 18 -17.80 -21.02 -20.12
N ASP A 19 -17.53 -22.31 -20.09
CA ASP A 19 -16.33 -22.87 -19.47
C ASP A 19 -15.04 -22.25 -20.01
N LYS A 20 -15.12 -21.68 -21.21
CA LYS A 20 -13.97 -21.00 -21.78
C LYS A 20 -13.92 -19.52 -21.37
N GLN A 21 -15.07 -18.92 -21.08
CA GLN A 21 -15.03 -17.53 -20.64
C GLN A 21 -14.42 -17.49 -19.23
N LEU A 22 -14.92 -18.40 -18.40
CA LEU A 22 -14.51 -18.59 -17.02
C LEU A 22 -13.01 -18.81 -16.88
N TRP A 23 -12.49 -19.83 -17.55
CA TRP A 23 -11.05 -19.97 -17.62
C TRP A 23 -10.28 -18.75 -18.11
N GLU A 24 -10.84 -17.97 -19.04
CA GLU A 24 -10.10 -16.79 -19.49
C GLU A 24 -10.12 -15.63 -18.47
N LEU A 25 -11.21 -15.53 -17.72
CA LEU A 25 -11.29 -14.60 -16.63
C LEU A 25 -10.17 -15.02 -15.62
N ILE A 26 -10.20 -16.27 -15.19
CA ILE A 26 -9.23 -16.79 -14.26
C ILE A 26 -7.78 -16.52 -14.63
N ASP A 27 -7.38 -16.98 -15.81
CA ASP A 27 -6.01 -16.83 -16.30
C ASP A 27 -5.59 -15.34 -16.40
N ASN A 28 -6.54 -14.47 -16.74
CA ASN A 28 -6.29 -13.06 -16.92
C ASN A 28 -6.07 -12.40 -15.56
N PHE A 29 -6.78 -12.89 -14.57
CA PHE A 29 -6.61 -12.39 -13.25
C PHE A 29 -5.18 -12.72 -12.73
N PHE A 30 -4.79 -13.99 -12.85
CA PHE A 30 -3.44 -14.43 -12.46
C PHE A 30 -2.42 -13.48 -13.05
N LEU A 31 -2.54 -13.21 -14.34
CA LEU A 31 -1.68 -12.25 -15.04
C LEU A 31 -1.76 -10.84 -14.47
N LYS A 32 -2.97 -10.26 -14.30
CA LYS A 32 -3.11 -8.94 -13.68
C LYS A 32 -2.53 -8.90 -12.25
N ALA A 33 -2.88 -9.92 -11.44
CA ALA A 33 -2.44 -10.04 -10.07
C ALA A 33 -0.91 -10.03 -9.94
N ALA A 34 -0.28 -10.90 -10.73
CA ALA A 34 1.17 -10.90 -10.81
C ALA A 34 1.72 -9.54 -11.29
N LEU A 35 1.02 -8.87 -12.21
CA LEU A 35 1.59 -7.63 -12.71
C LEU A 35 1.55 -6.58 -11.62
N LEU A 36 0.40 -6.40 -10.96
CA LEU A 36 0.26 -5.53 -9.83
C LEU A 36 1.40 -5.71 -8.78
N ILE A 37 1.57 -6.94 -8.30
CA ILE A 37 2.50 -7.26 -7.26
C ILE A 37 3.94 -6.90 -7.69
N CYS A 38 4.37 -7.33 -8.87
CA CYS A 38 5.69 -6.94 -9.42
C CYS A 38 5.90 -5.42 -9.70
N HIS A 39 4.89 -4.72 -10.23
CA HIS A 39 5.10 -3.31 -10.57
C HIS A 39 5.16 -2.41 -9.32
N SER A 40 4.68 -2.92 -8.19
CA SER A 40 4.71 -2.18 -6.95
C SER A 40 6.09 -2.07 -6.29
N LYS A 41 7.10 -2.77 -6.77
CA LYS A 41 8.42 -2.77 -6.05
C LYS A 41 9.56 -2.34 -6.94
N LYS A 69 11.33 -10.41 -20.35
CA LYS A 69 11.76 -10.28 -18.95
C LYS A 69 10.66 -10.77 -17.99
N LEU A 70 9.70 -9.91 -17.66
CA LEU A 70 8.50 -10.41 -16.98
C LEU A 70 7.74 -11.34 -17.92
N GLU A 71 7.97 -11.17 -19.23
CA GLU A 71 7.23 -11.94 -20.23
C GLU A 71 7.75 -13.37 -20.29
N ARG A 72 9.05 -13.53 -20.07
CA ARG A 72 9.65 -14.85 -20.08
C ARG A 72 9.05 -15.63 -18.91
N GLU A 73 9.14 -15.04 -17.72
CA GLU A 73 8.60 -15.60 -16.49
C GLU A 73 7.06 -15.79 -16.48
N LEU A 74 6.30 -14.99 -17.24
CA LEU A 74 4.83 -15.20 -17.26
C LEU A 74 4.40 -16.27 -18.28
N LYS A 75 5.36 -16.85 -19.01
CA LYS A 75 5.01 -17.85 -20.05
C LYS A 75 4.06 -19.01 -19.58
N PRO A 76 4.34 -19.61 -18.39
CA PRO A 76 3.42 -20.62 -17.99
C PRO A 76 1.95 -20.18 -17.93
N TRP A 77 1.64 -18.87 -17.85
CA TRP A 77 0.21 -18.43 -17.70
C TRP A 77 -0.29 -17.73 -18.94
N THR A 78 0.64 -17.28 -19.77
CA THR A 78 0.33 -16.63 -21.04
C THR A 78 0.11 -17.66 -22.16
N THR A 79 0.82 -18.77 -22.05
CA THR A 79 0.63 -19.91 -22.97
C THR A 79 -0.25 -21.04 -22.41
N PHE A 80 -1.25 -20.71 -21.60
CA PHE A 80 -2.12 -21.71 -20.99
C PHE A 80 -3.36 -22.01 -21.83
N ASP A 81 -3.55 -23.32 -22.11
CA ASP A 81 -4.81 -23.99 -22.58
C ASP A 81 -5.25 -24.95 -21.50
N GLY A 82 -6.49 -25.41 -21.62
CA GLY A 82 -7.02 -26.51 -20.79
C GLY A 82 -6.17 -27.75 -20.65
N SER A 83 -5.18 -27.93 -21.52
CA SER A 83 -4.55 -29.27 -21.66
C SER A 83 -3.63 -29.64 -20.51
N GLU A 84 -3.38 -28.65 -19.65
CA GLU A 84 -2.62 -28.85 -18.42
C GLU A 84 -3.25 -27.94 -17.39
N SER A 85 -3.10 -28.30 -16.12
CA SER A 85 -3.45 -27.46 -14.99
C SER A 85 -2.70 -26.13 -15.03
N LEU A 86 -3.41 -25.09 -14.58
CA LEU A 86 -2.91 -23.70 -14.47
C LEU A 86 -1.94 -23.77 -13.29
N PRO A 87 -0.62 -23.61 -13.51
CA PRO A 87 0.32 -23.91 -12.41
C PRO A 87 0.15 -22.90 -11.25
N PRO A 88 0.42 -23.30 -10.00
CA PRO A 88 0.46 -22.30 -8.92
C PRO A 88 1.56 -21.24 -9.18
N LEU A 89 1.19 -19.98 -8.94
CA LEU A 89 2.00 -18.79 -9.21
C LEU A 89 2.61 -18.26 -7.92
N VAL A 90 3.96 -18.32 -7.86
CA VAL A 90 4.75 -17.91 -6.74
C VAL A 90 5.50 -16.63 -7.05
N ILE A 91 5.42 -15.67 -6.13
CA ILE A 91 6.17 -14.41 -6.27
C ILE A 91 7.07 -14.16 -5.05
N GLU A 92 8.36 -13.95 -5.28
CA GLU A 92 9.27 -13.64 -4.17
C GLU A 92 9.64 -12.16 -4.25
N THR A 93 9.65 -11.44 -3.12
CA THR A 93 10.01 -10.04 -3.07
C THR A 93 11.23 -10.06 -2.19
N TYR A 94 12.29 -9.40 -2.63
CA TYR A 94 13.54 -9.44 -1.83
C TYR A 94 14.26 -8.11 -1.83
N LEU A 95 15.20 -7.96 -0.90
CA LEU A 95 16.08 -6.84 -0.90
C LEU A 95 17.34 -7.27 -1.62
N ASP A 96 17.56 -6.67 -2.79
CA ASP A 96 18.71 -6.99 -3.65
C ASP A 96 20.05 -6.39 -3.17
N LEU A 97 21.07 -7.22 -2.94
CA LEU A 97 22.30 -6.72 -2.29
C LEU A 97 23.52 -6.69 -3.22
N ALA A 98 23.28 -6.89 -4.50
CA ALA A 98 24.31 -6.97 -5.54
C ALA A 98 25.35 -5.84 -5.50
N ARG A 99 24.90 -4.61 -5.25
CA ARG A 99 25.69 -3.36 -5.42
C ARG A 99 26.39 -2.91 -4.16
N LEU A 100 26.42 -3.77 -3.14
CA LEU A 100 27.12 -3.47 -1.88
C LEU A 100 28.62 -3.67 -2.02
N SER A 101 29.39 -2.71 -1.53
CA SER A 101 30.84 -2.89 -1.35
C SER A 101 31.14 -3.75 -0.10
N PRO A 102 32.33 -4.41 -0.06
CA PRO A 102 32.81 -5.28 1.02
C PRO A 102 32.79 -4.75 2.46
N SER A 103 32.84 -3.43 2.65
CA SER A 103 32.80 -2.81 4.00
C SER A 103 31.37 -2.44 4.51
N GLN A 104 30.40 -2.46 3.60
CA GLN A 104 29.00 -2.13 3.94
C GLN A 104 28.31 -3.23 4.80
N GLN A 105 27.78 -2.82 5.93
CA GLN A 105 27.06 -3.68 6.85
C GLN A 105 25.53 -3.44 6.65
N VAL A 106 24.78 -4.53 6.46
CA VAL A 106 23.31 -4.46 6.59
C VAL A 106 22.83 -4.74 8.03
N THR A 107 22.18 -3.76 8.58
CA THR A 107 21.46 -3.96 9.82
C THR A 107 19.88 -3.86 9.60
N LEU A 108 19.16 -4.34 10.59
CA LEU A 108 17.71 -4.37 10.69
C LEU A 108 17.37 -3.87 12.07
N LYS A 109 16.47 -2.91 12.15
CA LYS A 109 15.96 -2.45 13.41
C LYS A 109 14.65 -3.07 13.78
N ASP A 110 14.50 -3.43 15.04
CA ASP A 110 13.34 -4.13 15.47
C ASP A 110 12.26 -3.15 15.82
N GLN A 111 11.19 -3.64 16.42
CA GLN A 111 10.03 -2.74 16.65
C GLN A 111 10.40 -1.83 17.78
N ASP A 112 11.45 -2.15 18.52
CA ASP A 112 11.81 -1.22 19.58
C ASP A 112 12.80 -0.20 19.04
N GLY A 113 13.12 -0.29 17.76
CA GLY A 113 14.13 0.62 17.21
C GLY A 113 15.56 0.19 17.57
N ASN A 114 15.77 -1.06 17.98
CA ASN A 114 17.16 -1.56 18.19
C ASN A 114 17.72 -2.35 16.99
N PRO A 115 19.00 -2.12 16.63
CA PRO A 115 19.73 -2.71 15.52
C PRO A 115 20.25 -4.09 15.72
N TRP A 116 20.21 -4.87 14.65
CA TRP A 116 20.65 -6.25 14.62
C TRP A 116 21.44 -6.37 13.37
N ASN A 117 22.57 -7.06 13.45
CA ASN A 117 23.36 -7.28 12.26
C ASN A 117 22.74 -8.31 11.40
N VAL A 118 22.85 -8.09 10.07
CA VAL A 118 22.36 -9.05 9.08
C VAL A 118 23.49 -9.65 8.23
N CYS A 119 24.23 -8.83 7.50
CA CYS A 119 25.32 -9.36 6.67
C CYS A 119 26.22 -8.25 6.16
N LYS A 120 27.38 -8.64 5.64
CA LYS A 120 28.43 -7.71 5.25
C LYS A 120 28.67 -7.86 3.75
N GLY A 121 28.99 -6.74 3.11
CA GLY A 121 29.27 -6.71 1.69
C GLY A 121 28.54 -7.70 0.79
N THR A 122 29.28 -8.64 0.25
CA THR A 122 28.74 -9.47 -0.83
C THR A 122 28.52 -10.93 -0.41
N LYS A 123 28.59 -11.17 0.89
CA LYS A 123 28.37 -12.51 1.42
C LYS A 123 27.03 -13.12 0.96
N LYS A 124 26.01 -12.28 0.82
CA LYS A 124 24.69 -12.74 0.50
C LYS A 124 24.10 -11.91 -0.62
N SER A 125 23.34 -12.54 -1.48
CA SER A 125 22.94 -11.90 -2.74
C SER A 125 21.63 -11.05 -2.54
N GLU A 126 20.74 -11.55 -1.67
CA GLU A 126 19.40 -10.92 -1.37
C GLU A 126 18.85 -11.28 0.02
N ILE A 127 17.91 -10.47 0.54
CA ILE A 127 17.15 -10.85 1.73
C ILE A 127 15.72 -10.96 1.31
N LEU A 129 11.77 -11.02 1.52
CA LEU A 129 10.90 -10.24 2.34
C LEU A 129 9.44 -10.75 2.30
N GLU A 130 8.98 -11.22 1.14
CA GLU A 130 7.60 -11.66 1.00
C GLU A 130 7.58 -12.82 0.07
N ARG A 131 6.64 -13.73 0.28
CA ARG A 131 6.42 -14.75 -0.76
C ARG A 131 4.94 -14.95 -0.95
N TRP A 132 4.48 -14.69 -2.17
CA TRP A 132 3.03 -14.75 -2.52
C TRP A 132 2.80 -16.05 -3.23
N LEU A 133 1.60 -16.56 -3.11
CA LEU A 133 1.21 -17.79 -3.79
C LEU A 133 -0.23 -17.52 -4.27
N ILE A 134 -0.47 -17.70 -5.55
CA ILE A 134 -1.80 -17.55 -6.19
C ILE A 134 -1.98 -18.89 -6.89
N GLN A 135 -3.16 -19.45 -6.69
CA GLN A 135 -3.46 -20.85 -6.97
C GLN A 135 -4.94 -21.04 -7.25
N ASP A 137 -7.64 -24.07 -6.55
CA ASP A 137 -7.99 -25.41 -5.90
C ASP A 137 -7.16 -26.62 -6.34
N VAL A 157 -19.49 -16.17 -16.44
CA VAL A 157 -20.49 -15.37 -15.74
C VAL A 157 -19.99 -13.97 -15.40
N SER A 158 -20.96 -13.06 -15.40
CA SER A 158 -20.73 -11.67 -15.05
C SER A 158 -20.50 -11.62 -13.55
N GLU A 159 -20.97 -12.65 -12.85
CA GLU A 159 -20.81 -12.68 -11.41
C GLU A 159 -19.39 -13.01 -10.98
N LEU A 160 -18.73 -13.93 -11.67
CA LEU A 160 -17.32 -14.18 -11.39
C LEU A 160 -16.47 -13.00 -11.80
N TYR A 161 -16.96 -12.22 -12.73
CA TYR A 161 -16.24 -11.06 -13.16
C TYR A 161 -16.22 -10.06 -12.02
N ARG A 162 -17.34 -9.97 -11.31
CA ARG A 162 -17.48 -8.96 -10.28
C ARG A 162 -16.66 -9.38 -9.05
N GLN A 163 -16.69 -10.68 -8.71
CA GLN A 163 -15.85 -11.26 -7.67
C GLN A 163 -14.35 -10.98 -7.91
N LEU A 164 -13.93 -10.86 -9.16
CA LEU A 164 -12.52 -10.68 -9.43
C LEU A 164 -12.13 -9.20 -9.41
N VAL A 165 -13.10 -8.31 -9.62
CA VAL A 165 -12.84 -6.89 -9.59
C VAL A 165 -12.66 -6.52 -8.13
N LEU A 166 -13.51 -7.10 -7.30
CA LEU A 166 -13.46 -6.89 -5.85
C LEU A 166 -12.16 -7.45 -5.27
N LEU A 167 -11.81 -8.67 -5.66
CA LEU A 167 -10.58 -9.26 -5.26
C LEU A 167 -9.36 -8.44 -5.69
N PHE A 168 -9.43 -7.86 -6.87
CA PHE A 168 -8.29 -7.13 -7.37
C PHE A 168 -8.00 -5.84 -6.56
N ARG A 169 -9.06 -5.15 -6.14
CA ARG A 169 -8.92 -3.84 -5.49
C ARG A 169 -8.47 -4.08 -4.07
N TYR A 170 -8.92 -5.20 -3.55
CA TYR A 170 -8.59 -5.54 -2.24
C TYR A 170 -7.01 -5.81 -2.21
N LEU A 171 -6.55 -6.54 -3.20
CA LEU A 171 -5.18 -6.92 -3.37
C LEU A 171 -4.35 -5.65 -3.60
N GLU A 172 -4.90 -4.64 -4.29
CA GLU A 172 -4.16 -3.42 -4.49
C GLU A 172 -3.92 -2.75 -3.16
N THR A 173 -4.93 -2.82 -2.31
CA THR A 173 -4.77 -2.22 -1.02
C THR A 173 -3.85 -3.04 -0.14
N LEU A 174 -3.95 -4.36 -0.22
CA LEU A 174 -3.16 -5.13 0.68
C LEU A 174 -1.69 -4.93 0.34
N VAL A 175 -1.36 -4.87 -0.95
CA VAL A 175 0.02 -4.74 -1.36
C VAL A 175 0.59 -3.44 -0.79
N GLY A 176 -0.19 -2.34 -0.84
CA GLY A 176 0.39 -1.12 -0.42
C GLY A 176 0.63 -1.14 1.08
N LEU A 177 -0.10 -1.95 1.85
CA LEU A 177 0.05 -1.93 3.30
C LEU A 177 1.17 -2.83 3.88
N LEU A 178 1.83 -3.62 3.08
CA LEU A 178 2.74 -4.51 3.76
C LEU A 178 4.04 -3.78 4.17
N PRO A 179 4.75 -4.30 5.15
CA PRO A 179 6.06 -3.75 5.60
C PRO A 179 7.07 -3.50 4.52
N ALA A 180 7.12 -4.33 3.48
CA ALA A 180 8.12 -4.07 2.40
C ALA A 180 7.78 -2.79 1.64
N SER A 181 6.47 -2.41 1.62
CA SER A 181 6.07 -1.14 0.93
C SER A 181 6.61 0.04 1.70
N GLU A 182 6.66 -0.12 3.02
CA GLU A 182 7.17 0.93 3.88
C GLU A 182 8.69 1.08 3.59
N LEU A 183 9.39 -0.04 3.39
CA LEU A 183 10.81 0.00 2.95
C LEU A 183 10.94 0.62 1.54
N GLN A 184 10.06 0.24 0.59
CA GLN A 184 10.06 0.83 -0.74
C GLN A 184 9.91 2.38 -0.61
N ALA A 185 8.89 2.84 0.11
CA ALA A 185 8.73 4.28 0.37
C ALA A 185 10.09 4.92 0.73
N ARG A 186 10.75 4.39 1.74
CA ARG A 186 11.99 5.02 2.20
C ARG A 186 13.12 4.93 1.19
N LEU A 187 13.08 3.94 0.32
CA LEU A 187 14.11 3.82 -0.70
C LEU A 187 13.93 4.81 -1.85
N ILE A 188 12.69 5.21 -2.13
CA ILE A 188 12.50 6.08 -3.28
C ILE A 188 12.12 7.49 -2.85
N ARG A 189 12.30 7.84 -1.58
CA ARG A 189 12.03 9.23 -1.17
C ARG A 189 13.00 10.17 -1.86
N PRO A 190 12.47 11.23 -2.53
CA PRO A 190 13.34 12.21 -3.18
C PRO A 190 13.91 13.16 -2.14
N PRO A 199 22.42 1.89 -4.06
CA PRO A 199 23.00 1.09 -2.96
C PRO A 199 22.32 -0.33 -2.83
N VAL A 200 21.00 -0.36 -2.64
CA VAL A 200 20.19 -1.58 -2.55
C VAL A 200 18.81 -1.30 -3.13
N LYS A 201 18.22 -2.24 -3.87
CA LYS A 201 16.86 -2.05 -4.37
C LYS A 201 16.01 -3.28 -4.06
N LEU A 202 14.70 -3.13 -4.19
CA LEU A 202 13.76 -4.21 -4.13
C LEU A 202 13.68 -4.86 -5.48
N GLY A 203 13.45 -6.18 -5.52
CA GLY A 203 13.30 -6.96 -6.74
C GLY A 203 12.16 -7.97 -6.46
N THR A 204 11.58 -8.54 -7.50
CA THR A 204 10.64 -9.63 -7.42
C THR A 204 10.98 -10.59 -8.50
N ARG A 205 10.42 -11.78 -8.42
CA ARG A 205 10.75 -12.90 -9.25
C ARG A 205 9.48 -13.70 -9.17
N ILE A 206 9.03 -14.17 -10.32
CA ILE A 206 7.89 -15.01 -10.45
C ILE A 206 8.40 -16.38 -10.70
N LEU A 207 7.78 -17.37 -10.07
CA LEU A 207 8.19 -18.77 -10.12
C LEU A 207 6.94 -19.64 -10.30
N ASP A 208 7.13 -20.74 -11.01
CA ASP A 208 6.11 -21.81 -11.07
C ASP A 208 6.21 -22.57 -9.75
N GLY A 209 5.17 -22.50 -8.94
CA GLY A 209 5.25 -23.11 -7.62
C GLY A 209 5.04 -24.62 -7.50
N SER A 210 4.81 -25.32 -8.61
CA SER A 210 4.68 -26.77 -8.49
C SER A 210 6.06 -27.39 -8.58
N LYS A 211 7.10 -26.55 -8.60
CA LYS A 211 8.49 -27.00 -8.63
C LYS A 211 9.23 -26.60 -7.36
N PRO A 212 9.95 -27.55 -6.71
CA PRO A 212 10.93 -27.12 -5.70
C PRO A 212 12.01 -26.20 -6.29
N ILE A 213 12.69 -25.46 -5.43
CA ILE A 213 13.84 -24.61 -5.80
C ILE A 213 14.81 -24.53 -4.62
N VAL A 214 16.10 -24.67 -4.90
CA VAL A 214 17.11 -24.33 -3.90
C VAL A 214 17.69 -22.93 -4.17
N SER A 215 18.31 -22.36 -3.15
CA SER A 215 18.75 -20.98 -3.19
C SER A 215 19.98 -20.86 -2.29
N LYS A 216 21.15 -20.88 -2.91
CA LYS A 216 22.39 -21.14 -2.18
C LYS A 216 22.70 -20.10 -1.09
N GLY A 217 22.89 -18.86 -1.49
CA GLY A 217 23.53 -17.89 -0.60
C GLY A 217 22.79 -16.57 -0.48
N ARG A 218 21.51 -16.70 -0.10
CA ARG A 218 20.64 -15.55 0.19
C ARG A 218 20.22 -15.64 1.68
N ILE A 219 19.63 -14.60 2.25
CA ILE A 219 18.97 -14.73 3.55
C ILE A 219 17.49 -15.06 3.28
N GLY A 220 17.11 -16.31 3.57
CA GLY A 220 15.77 -16.82 3.36
C GLY A 220 14.72 -16.21 4.32
N LEU A 221 13.45 -16.31 3.96
CA LEU A 221 12.37 -16.00 4.93
C LEU A 221 12.55 -16.69 6.28
N SER A 222 13.12 -17.92 6.29
CA SER A 222 13.32 -18.73 7.52
C SER A 222 14.29 -18.12 8.57
N LYS A 223 15.31 -17.38 8.11
CA LYS A 223 16.26 -16.71 8.98
C LYS A 223 15.56 -15.56 9.72
N SER A 224 15.42 -15.71 11.01
CA SER A 224 14.87 -14.66 11.79
C SER A 224 16.13 -13.89 11.99
N LEU A 225 16.05 -12.62 12.24
CA LEU A 225 17.33 -11.90 12.23
C LEU A 225 17.50 -11.24 13.60
N ILE A 226 16.36 -11.15 14.26
CA ILE A 226 16.08 -10.60 15.54
C ILE A 226 15.82 -11.80 16.45
N ALA A 227 16.77 -12.04 17.36
CA ALA A 227 16.79 -13.22 18.23
C ALA A 227 15.79 -13.13 19.38
N THR A 228 15.15 -11.97 19.58
CA THR A 228 14.05 -11.94 20.57
C THR A 228 12.78 -12.71 20.18
N TYR A 229 12.66 -13.12 18.93
CA TYR A 229 11.46 -13.85 18.51
C TYR A 229 11.46 -15.25 19.06
N SER A 230 10.33 -15.64 19.64
CA SER A 230 10.19 -16.99 20.12
C SER A 230 9.03 -17.79 19.42
N ASN A 231 9.44 -18.80 18.68
CA ASN A 231 8.54 -19.64 17.91
C ASN A 231 7.62 -20.45 18.81
N VAL A 232 6.33 -20.36 18.54
CA VAL A 232 5.34 -21.19 19.17
C VAL A 232 4.42 -21.90 18.15
N ILE A 233 3.83 -23.00 18.59
CA ILE A 233 2.95 -23.79 17.76
C ILE A 233 1.81 -22.88 17.30
N ASN A 234 1.49 -22.91 16.01
CA ASN A 234 0.30 -22.18 15.55
C ASN A 234 -0.16 -22.80 14.30
N GLU A 235 -1.33 -22.41 13.85
CA GLU A 235 -2.02 -22.99 12.72
C GLU A 235 -1.42 -22.66 11.32
N THR A 236 -0.68 -21.56 11.23
CA THR A 236 -0.07 -21.15 9.95
C THR A 236 1.29 -21.92 9.87
N ASN A 237 1.74 -22.46 10.98
CA ASN A 237 3.06 -23.11 10.98
C ASN A 237 4.19 -22.21 10.60
N LEU A 238 4.09 -20.91 10.90
CA LEU A 238 5.21 -19.99 10.66
C LEU A 238 5.94 -19.66 11.94
N PRO A 239 7.26 -19.54 11.84
CA PRO A 239 8.11 -18.94 12.92
C PRO A 239 7.63 -17.52 13.22
N ALA A 240 7.87 -17.03 14.43
CA ALA A 240 7.26 -15.85 14.95
C ALA A 240 7.72 -14.58 14.26
N HIS A 241 8.95 -14.55 13.68
CA HIS A 241 9.35 -13.37 12.91
C HIS A 241 8.52 -13.19 11.59
N LEU A 242 7.68 -14.16 11.20
CA LEU A 242 6.97 -14.06 9.88
C LEU A 242 5.45 -13.92 10.11
N GLU A 243 4.70 -13.40 9.15
CA GLU A 243 3.26 -13.29 9.35
C GLU A 243 2.62 -13.77 8.03
N GLN A 244 1.33 -14.08 8.03
CA GLN A 244 0.68 -14.58 6.86
C GLN A 244 -0.63 -13.89 6.71
N ARG A 245 -1.02 -13.54 5.48
CA ARG A 245 -2.40 -13.00 5.18
C ARG A 245 -2.98 -13.85 4.09
N LYS A 246 -4.30 -14.06 4.10
CA LYS A 246 -4.91 -14.88 3.06
C LYS A 246 -6.20 -14.17 2.67
N ILE A 247 -6.49 -14.15 1.38
CA ILE A 247 -7.71 -13.57 0.90
C ILE A 247 -8.79 -14.66 0.97
N THR A 248 -10.03 -14.25 1.20
CA THR A 248 -11.18 -15.16 1.17
C THR A 248 -11.18 -15.81 -0.19
N PRO A 249 -11.35 -17.13 -0.24
CA PRO A 249 -11.22 -17.68 -1.56
C PRO A 249 -12.39 -17.32 -2.45
N ILE A 250 -12.13 -17.29 -3.74
CA ILE A 250 -13.23 -17.13 -4.65
C ILE A 250 -13.69 -18.52 -5.06
N ARG A 251 -14.98 -18.76 -4.78
CA ARG A 251 -15.61 -20.03 -5.09
C ARG A 251 -15.94 -20.07 -6.58
N THR A 252 -15.41 -21.09 -7.26
CA THR A 252 -15.70 -21.35 -8.66
C THR A 252 -15.87 -22.86 -9.00
N LYS A 253 -16.60 -23.14 -10.08
CA LYS A 253 -16.89 -24.51 -10.48
C LYS A 253 -15.63 -25.36 -10.70
N PHE A 254 -14.58 -24.72 -11.19
CA PHE A 254 -13.30 -25.38 -11.35
C PHE A 254 -12.49 -25.49 -10.07
N GLY A 255 -13.01 -24.94 -8.98
CA GLY A 255 -12.28 -24.94 -7.71
C GLY A 255 -12.26 -23.56 -7.03
N SER A 256 -11.36 -23.41 -6.06
CA SER A 256 -11.30 -22.14 -5.37
C SER A 256 -10.08 -21.31 -5.78
N LEU A 257 -10.32 -20.03 -6.01
CA LEU A 257 -9.15 -19.17 -6.26
C LEU A 257 -8.59 -18.68 -4.90
N ARG A 258 -7.38 -19.08 -4.55
CA ARG A 258 -6.79 -18.77 -3.22
C ARG A 258 -5.50 -17.95 -3.42
N ILE A 259 -5.46 -16.76 -2.79
CA ILE A 259 -4.26 -15.92 -2.71
C ILE A 259 -3.80 -15.81 -1.27
N SER A 260 -2.56 -16.07 -1.02
CA SER A 260 -1.97 -15.86 0.31
C SER A 260 -0.53 -15.25 0.20
N VAL A 261 0.00 -14.67 1.29
CA VAL A 261 1.33 -14.09 1.31
C VAL A 261 1.87 -14.31 2.70
N SER A 262 3.10 -14.78 2.77
CA SER A 262 3.91 -14.81 4.00
C SER A 262 4.99 -13.77 3.87
N TYR A 263 5.20 -12.99 4.93
CA TYR A 263 6.12 -11.89 4.91
C TYR A 263 6.90 -11.69 6.23
N ARG A 264 8.16 -11.31 6.13
CA ARG A 264 8.93 -10.86 7.28
C ARG A 264 8.27 -9.61 7.91
N LYS A 265 7.82 -9.72 9.17
CA LYS A 265 7.28 -8.59 9.98
C LYS A 265 8.13 -7.32 10.04
N ASP A 266 9.45 -7.48 10.13
CA ASP A 266 10.29 -6.31 10.21
C ASP A 266 11.08 -6.06 8.90
N CYS A 267 11.01 -4.84 8.37
CA CYS A 267 11.76 -4.47 7.17
C CYS A 267 12.48 -3.13 7.37
N ASP A 268 12.69 -2.72 8.61
CA ASP A 268 13.34 -1.42 8.74
C ASP A 268 14.87 -1.66 8.62
N PHE A 269 15.34 -2.02 7.42
CA PHE A 269 16.76 -2.26 7.05
C PHE A 269 17.58 -0.99 6.81
N HIS A 270 18.89 -1.05 7.09
CA HIS A 270 19.78 0.09 7.00
C HIS A 270 21.10 -0.41 6.41
N VAL A 271 21.75 0.47 5.70
CA VAL A 271 23.03 0.10 5.12
C VAL A 271 24.06 1.13 5.59
N ASN A 272 25.16 0.65 6.14
CA ASN A 272 26.19 1.58 6.62
C ASN A 272 27.60 1.30 6.16
N THR B 15 5.65 36.87 -21.63
CA THR B 15 5.96 35.59 -20.88
C THR B 15 6.54 34.57 -21.84
N THR B 16 7.65 33.95 -21.46
CA THR B 16 8.31 33.03 -22.35
C THR B 16 7.46 31.78 -22.51
N SER B 17 7.67 31.04 -23.60
CA SER B 17 6.96 29.80 -23.78
C SER B 17 7.55 28.77 -22.77
N LEU B 18 8.80 28.99 -22.34
CA LEU B 18 9.42 28.12 -21.34
C LEU B 18 8.76 28.33 -19.95
N ASP B 19 8.22 29.52 -19.69
CA ASP B 19 7.43 29.74 -18.50
C ASP B 19 6.17 28.95 -18.69
N LYS B 20 5.47 29.19 -19.78
CA LYS B 20 4.25 28.42 -20.08
C LYS B 20 4.37 26.90 -19.97
N GLN B 21 5.55 26.34 -20.12
CA GLN B 21 5.67 24.90 -20.01
C GLN B 21 5.65 24.51 -18.53
N LEU B 22 6.39 25.25 -17.71
CA LEU B 22 6.29 25.22 -16.25
C LEU B 22 4.87 25.50 -15.63
N TRP B 23 4.25 26.65 -15.88
CA TRP B 23 2.80 26.74 -15.60
C TRP B 23 2.16 25.33 -15.80
N GLU B 24 2.34 24.71 -16.97
CA GLU B 24 1.63 23.46 -17.27
C GLU B 24 2.11 22.22 -16.53
N LEU B 25 3.40 22.12 -16.27
CA LEU B 25 3.91 20.92 -15.62
C LEU B 25 3.37 20.93 -14.18
N ILE B 26 3.61 22.04 -13.49
CA ILE B 26 3.06 22.35 -12.19
C ILE B 26 1.62 21.87 -12.10
N ASP B 27 0.73 22.68 -12.67
CA ASP B 27 -0.66 22.44 -12.81
C ASP B 27 -1.09 20.98 -13.05
N ASN B 28 -0.40 20.27 -13.94
CA ASN B 28 -0.69 18.86 -14.08
C ASN B 28 -0.30 18.08 -12.86
N PHE B 29 0.44 18.71 -11.96
CA PHE B 29 0.78 17.95 -10.81
C PHE B 29 -0.31 18.04 -9.77
N PHE B 30 -0.86 19.22 -9.64
CA PHE B 30 -2.02 19.30 -8.81
C PHE B 30 -3.13 18.31 -9.16
N LEU B 31 -3.39 18.12 -10.46
CA LEU B 31 -4.45 17.18 -10.88
C LEU B 31 -4.04 15.76 -10.57
N LYS B 32 -2.87 15.35 -11.02
CA LYS B 32 -2.45 13.99 -10.77
C LYS B 32 -2.51 13.65 -9.30
N ALA B 33 -1.87 14.47 -8.50
CA ALA B 33 -1.87 14.32 -7.04
C ALA B 33 -3.28 14.28 -6.47
N ALA B 34 -4.18 15.08 -7.03
CA ALA B 34 -5.52 15.09 -6.46
C ALA B 34 -6.25 13.82 -6.85
N LEU B 35 -5.85 13.22 -7.98
CA LEU B 35 -6.50 12.01 -8.51
C LEU B 35 -5.96 10.75 -7.84
N LEU B 36 -4.65 10.72 -7.64
CA LEU B 36 -4.01 9.71 -6.83
C LEU B 36 -4.66 9.62 -5.41
N ILE B 37 -4.61 10.69 -4.63
CA ILE B 37 -5.20 10.70 -3.31
C ILE B 37 -6.70 10.32 -3.33
N CYS B 38 -7.54 11.05 -4.09
CA CYS B 38 -8.97 10.74 -4.14
C CYS B 38 -9.29 9.33 -4.63
N HIS B 39 -8.61 8.85 -5.66
CA HIS B 39 -8.93 7.53 -6.18
C HIS B 39 -8.46 6.42 -5.26
N SER B 40 -7.65 6.70 -4.26
CA SER B 40 -7.18 5.62 -3.41
C SER B 40 -8.27 5.26 -2.39
N LYS B 41 -9.38 6.01 -2.37
CA LYS B 41 -10.50 5.74 -1.47
C LYS B 41 -11.83 5.71 -2.22
N LYS B 69 -17.83 15.31 -11.43
CA LYS B 69 -17.70 15.84 -10.08
C LYS B 69 -16.25 16.14 -9.68
N LEU B 70 -15.31 15.26 -10.04
CA LEU B 70 -13.87 15.48 -9.78
C LEU B 70 -13.32 16.54 -10.70
N GLU B 71 -13.83 16.49 -11.93
CA GLU B 71 -13.56 17.45 -12.98
C GLU B 71 -13.97 18.86 -12.56
N ARG B 72 -15.17 18.96 -11.97
CA ARG B 72 -15.72 20.20 -11.41
C ARG B 72 -14.82 20.66 -10.28
N GLU B 73 -14.82 19.87 -9.21
CA GLU B 73 -14.00 20.09 -8.02
C GLU B 73 -12.59 20.69 -8.37
N LEU B 74 -11.88 20.04 -9.30
CA LEU B 74 -10.52 20.49 -9.68
C LEU B 74 -10.34 21.83 -10.43
N LYS B 75 -11.43 22.33 -11.00
CA LYS B 75 -11.49 23.57 -11.79
C LYS B 75 -10.37 24.58 -11.54
N PRO B 76 -10.29 25.19 -10.35
CA PRO B 76 -9.31 26.28 -10.19
C PRO B 76 -7.86 25.83 -10.36
N TRP B 77 -7.66 24.58 -10.76
CA TRP B 77 -6.31 24.04 -11.02
C TRP B 77 -6.23 23.57 -12.47
N THR B 78 -7.31 22.94 -12.94
CA THR B 78 -7.54 22.67 -14.35
C THR B 78 -7.51 23.93 -15.25
N THR B 79 -7.12 25.07 -14.69
CA THR B 79 -7.16 26.35 -15.42
C THR B 79 -6.04 27.30 -15.00
N PHE B 80 -4.86 26.78 -14.69
CA PHE B 80 -3.68 27.63 -14.54
C PHE B 80 -2.93 27.64 -15.87
N PRO B 88 -3.74 26.68 -3.34
CA PRO B 88 -3.70 25.97 -2.04
C PRO B 88 -4.82 24.92 -1.83
N LEU B 89 -4.55 23.72 -2.36
CA LEU B 89 -5.46 22.57 -2.41
C LEU B 89 -5.47 21.65 -1.15
N VAL B 90 -6.63 21.61 -0.49
CA VAL B 90 -6.93 20.70 0.63
C VAL B 90 -7.83 19.51 0.24
N ILE B 91 -7.36 18.29 0.56
CA ILE B 91 -8.14 17.08 0.36
C ILE B 91 -8.43 16.44 1.70
N GLU B 92 -9.71 16.21 1.99
CA GLU B 92 -10.11 15.62 3.27
C GLU B 92 -10.51 14.18 3.00
N THR B 93 -10.16 13.29 3.92
CA THR B 93 -10.55 11.87 3.84
C THR B 93 -11.31 11.65 5.10
N TYR B 94 -12.43 10.96 4.99
CA TYR B 94 -13.27 10.80 6.16
C TYR B 94 -14.01 9.48 6.06
N LEU B 95 -14.47 9.02 7.19
CA LEU B 95 -15.33 7.86 7.24
C LEU B 95 -16.78 8.37 7.20
N ASP B 96 -17.51 8.06 6.14
CA ASP B 96 -18.91 8.50 5.94
C ASP B 96 -19.95 7.76 6.85
N LEU B 97 -20.70 8.51 7.65
CA LEU B 97 -21.70 7.92 8.55
C LEU B 97 -23.20 8.07 8.15
N ALA B 98 -23.48 8.50 6.91
CA ALA B 98 -24.86 8.75 6.42
C ALA B 98 -25.85 7.58 6.64
N ARG B 99 -25.40 6.37 6.32
CA ARG B 99 -26.22 5.18 6.25
C ARG B 99 -26.36 4.44 7.58
N LEU B 100 -25.85 5.00 8.67
CA LEU B 100 -26.03 4.40 10.01
C LEU B 100 -27.50 4.36 10.48
N SER B 101 -27.93 3.27 11.10
CA SER B 101 -29.24 3.23 11.78
C SER B 101 -29.07 3.67 13.25
N PRO B 102 -30.18 4.00 13.95
CA PRO B 102 -29.97 4.85 15.14
C PRO B 102 -29.55 4.10 16.37
N SER B 103 -29.60 2.78 16.33
CA SER B 103 -29.05 1.98 17.43
C SER B 103 -27.60 1.47 17.16
N GLN B 104 -27.03 1.86 16.03
CA GLN B 104 -25.65 1.47 15.66
C GLN B 104 -24.64 2.42 16.28
N GLN B 105 -23.83 1.83 17.16
CA GLN B 105 -22.74 2.50 17.91
C GLN B 105 -21.39 2.35 17.11
N VAL B 106 -20.70 3.46 16.83
CA VAL B 106 -19.32 3.46 16.32
C VAL B 106 -18.35 3.37 17.49
N THR B 107 -17.52 2.35 17.52
CA THR B 107 -16.38 2.36 18.49
C THR B 107 -15.06 2.52 17.78
N LEU B 108 -13.98 2.78 18.54
CA LEU B 108 -12.64 2.92 18.09
C LEU B 108 -11.70 2.13 19.05
N LYS B 109 -10.99 1.13 18.56
CA LYS B 109 -10.08 0.40 19.48
C LYS B 109 -8.78 1.12 19.60
N ASP B 110 -8.30 1.27 20.82
CA ASP B 110 -6.99 1.88 20.98
C ASP B 110 -5.88 0.78 20.69
N GLN B 111 -4.64 1.09 21.03
CA GLN B 111 -3.49 0.24 20.72
C GLN B 111 -3.55 -1.04 21.52
N ASP B 112 -4.17 -1.00 22.68
CA ASP B 112 -4.18 -2.13 23.59
C ASP B 112 -5.45 -2.92 23.40
N GLY B 113 -6.21 -2.57 22.38
CA GLY B 113 -7.42 -3.30 22.02
C GLY B 113 -8.71 -2.93 22.77
N ASN B 114 -8.62 -2.00 23.71
CA ASN B 114 -9.82 -1.39 24.36
C ASN B 114 -10.73 -0.55 23.42
N PRO B 115 -12.03 -0.86 23.40
CA PRO B 115 -12.97 -0.02 22.63
C PRO B 115 -13.28 1.37 23.33
N TRP B 116 -13.47 2.41 22.53
CA TRP B 116 -13.85 3.74 23.01
C TRP B 116 -15.06 4.12 22.23
N ASN B 117 -16.13 4.51 22.89
CA ASN B 117 -17.32 4.95 22.12
C ASN B 117 -17.09 6.22 21.37
N VAL B 118 -17.64 6.32 20.16
CA VAL B 118 -17.45 7.50 19.36
C VAL B 118 -18.74 8.26 19.06
N CYS B 119 -19.71 7.60 18.42
CA CYS B 119 -20.99 8.19 18.23
C CYS B 119 -22.00 7.10 17.84
N LYS B 120 -23.28 7.45 18.00
CA LYS B 120 -24.35 6.48 17.75
C LYS B 120 -25.13 7.02 16.61
N GLY B 121 -25.54 6.15 15.70
CA GLY B 121 -26.54 6.55 14.71
C GLY B 121 -26.20 7.83 14.00
N THR B 122 -27.23 8.56 13.60
CA THR B 122 -27.09 9.75 12.75
C THR B 122 -26.59 11.01 13.46
N LYS B 123 -26.25 10.91 14.74
CA LYS B 123 -25.79 12.08 15.48
C LYS B 123 -24.70 12.84 14.70
N LYS B 124 -23.62 12.19 14.31
CA LYS B 124 -22.60 12.88 13.52
C LYS B 124 -22.64 12.41 12.10
N SER B 125 -22.08 13.20 11.19
CA SER B 125 -22.16 12.83 9.78
C SER B 125 -20.90 12.08 9.31
N GLU B 126 -19.75 12.40 9.92
CA GLU B 126 -18.48 11.79 9.48
C GLU B 126 -17.32 11.96 10.45
N ILE B 127 -16.31 11.11 10.27
CA ILE B 127 -15.14 11.10 11.13
C ILE B 127 -13.97 11.48 10.24
N LEU B 129 -10.40 11.68 8.83
CA LEU B 129 -9.24 10.71 8.98
C LEU B 129 -7.91 11.29 8.51
N GLU B 130 -7.95 12.09 7.42
CA GLU B 130 -6.78 12.74 6.75
C GLU B 130 -7.15 14.06 6.17
N ARG B 131 -6.23 15.00 6.30
CA ARG B 131 -6.31 16.25 5.58
C ARG B 131 -4.96 16.46 4.86
N TRP B 132 -5.01 16.55 3.55
CA TRP B 132 -3.81 16.73 2.74
C TRP B 132 -3.74 18.20 2.35
N LEU B 133 -2.55 18.77 2.35
CA LEU B 133 -2.33 20.18 1.87
C LEU B 133 -1.36 20.17 0.69
N ILE B 134 -1.88 20.58 -0.47
CA ILE B 134 -1.07 20.62 -1.69
C ILE B 134 -0.87 22.07 -2.12
N GLN B 135 0.37 22.43 -2.37
CA GLN B 135 0.70 23.84 -2.32
C GLN B 135 1.83 24.32 -3.17
N ASP B 137 3.82 27.67 -2.96
CA ASP B 137 3.96 28.82 -2.10
C ASP B 137 5.09 29.70 -2.57
N ASP B 155 16.75 26.80 -14.77
CA ASP B 155 15.74 25.75 -14.74
C ASP B 155 15.31 25.26 -16.10
N ASN B 156 15.19 23.95 -16.17
CA ASN B 156 14.68 23.32 -17.34
C ASN B 156 13.52 22.39 -17.00
N VAL B 157 12.41 22.61 -17.68
CA VAL B 157 11.34 21.63 -17.86
C VAL B 157 11.80 20.18 -17.75
N SER B 158 12.95 19.87 -18.34
CA SER B 158 13.37 18.47 -18.34
C SER B 158 13.62 17.99 -16.92
N GLU B 159 14.18 18.86 -16.10
CA GLU B 159 14.66 18.46 -14.80
C GLU B 159 13.46 18.51 -13.86
N LEU B 160 12.61 19.52 -14.06
CA LEU B 160 11.37 19.65 -13.32
C LEU B 160 10.47 18.45 -13.52
N TYR B 161 10.26 18.06 -14.76
CA TYR B 161 9.48 16.87 -15.08
C TYR B 161 10.03 15.62 -14.37
N ARG B 162 11.35 15.48 -14.34
CA ARG B 162 11.93 14.32 -13.77
C ARG B 162 11.64 14.27 -12.26
N GLN B 163 11.91 15.37 -11.55
CA GLN B 163 11.65 15.43 -10.14
C GLN B 163 10.16 15.21 -9.81
N LEU B 164 9.25 15.57 -10.71
CA LEU B 164 7.85 15.40 -10.38
C LEU B 164 7.48 13.95 -10.53
N VAL B 165 8.10 13.25 -11.47
CA VAL B 165 7.91 11.81 -11.65
C VAL B 165 8.32 11.01 -10.36
N LEU B 166 9.47 11.37 -9.79
CA LEU B 166 9.98 10.77 -8.54
C LEU B 166 9.06 11.06 -7.35
N LEU B 167 8.56 12.27 -7.27
CA LEU B 167 7.68 12.56 -6.20
C LEU B 167 6.32 11.88 -6.35
N PHE B 168 5.81 11.76 -7.58
CA PHE B 168 4.54 11.09 -7.83
C PHE B 168 4.63 9.62 -7.43
N ARG B 169 5.80 9.04 -7.69
CA ARG B 169 6.00 7.63 -7.43
C ARG B 169 6.03 7.47 -5.95
N TYR B 170 6.75 8.35 -5.27
CA TYR B 170 6.75 8.33 -3.83
C TYR B 170 5.30 8.49 -3.29
N LEU B 171 4.56 9.43 -3.80
CA LEU B 171 3.19 9.71 -3.27
C LEU B 171 2.30 8.47 -3.43
N GLU B 172 2.47 7.76 -4.53
CA GLU B 172 1.86 6.47 -4.71
C GLU B 172 2.08 5.52 -3.58
N THR B 173 3.30 5.39 -3.13
CA THR B 173 3.59 4.46 -2.04
C THR B 173 3.01 4.98 -0.73
N LEU B 174 3.18 6.28 -0.46
CA LEU B 174 2.79 6.87 0.82
C LEU B 174 1.26 6.71 1.08
N VAL B 175 0.43 6.95 0.07
CA VAL B 175 -1.05 6.92 0.25
C VAL B 175 -1.47 5.57 0.74
N GLY B 176 -0.92 4.53 0.11
CA GLY B 176 -1.19 3.18 0.53
C GLY B 176 -0.67 2.75 1.86
N LEU B 177 0.29 3.46 2.47
CA LEU B 177 0.76 3.13 3.84
C LEU B 177 0.00 3.78 5.01
N LEU B 178 -0.92 4.69 4.76
CA LEU B 178 -1.46 5.44 5.91
C LEU B 178 -2.48 4.53 6.58
N PRO B 179 -2.74 4.67 7.89
CA PRO B 179 -3.72 3.94 8.73
C PRO B 179 -5.14 3.87 8.06
N ALA B 180 -5.54 4.89 7.32
CA ALA B 180 -6.92 4.83 6.69
C ALA B 180 -6.96 3.80 5.58
N SER B 181 -5.79 3.50 4.97
CA SER B 181 -5.70 2.44 3.95
C SER B 181 -6.03 1.09 4.57
N GLU B 182 -5.55 0.88 5.78
CA GLU B 182 -5.84 -0.35 6.53
C GLU B 182 -7.36 -0.48 6.74
N LEU B 183 -8.03 0.65 6.93
CA LEU B 183 -9.46 0.61 7.16
C LEU B 183 -10.21 0.42 5.82
N GLN B 184 -9.71 1.02 4.75
CA GLN B 184 -10.20 0.73 3.41
C GLN B 184 -10.18 -0.76 3.07
N ALA B 185 -9.13 -1.47 3.50
CA ALA B 185 -9.01 -2.87 3.12
C ALA B 185 -10.13 -3.65 3.79
N ARG B 186 -10.40 -3.33 5.06
CA ARG B 186 -11.44 -4.06 5.81
C ARG B 186 -12.82 -3.92 5.19
N LEU B 187 -13.10 -2.80 4.56
CA LEU B 187 -14.39 -2.57 3.93
C LEU B 187 -14.51 -3.00 2.49
N ILE B 188 -13.41 -3.20 1.77
CA ILE B 188 -13.56 -3.50 0.35
C ILE B 188 -13.32 -4.95 0.14
N ARG B 189 -13.16 -5.67 1.24
CA ARG B 189 -12.86 -7.08 1.18
C ARG B 189 -14.10 -7.92 0.79
N PRO B 190 -13.91 -8.99 -0.01
CA PRO B 190 -14.92 -10.03 -0.22
C PRO B 190 -15.11 -10.95 1.00
N PRO B 199 -22.55 -0.33 5.53
CA PRO B 199 -22.90 0.43 6.76
C PRO B 199 -22.22 1.81 6.82
N VAL B 200 -20.90 1.83 6.60
CA VAL B 200 -20.10 3.06 6.52
C VAL B 200 -19.18 2.90 5.32
N LYS B 201 -18.54 3.99 4.89
CA LYS B 201 -17.58 3.90 3.77
C LYS B 201 -16.66 5.10 3.86
N LEU B 202 -15.51 5.01 3.21
CA LEU B 202 -14.59 6.14 3.03
C LEU B 202 -15.06 7.12 1.95
N GLY B 203 -14.95 8.41 2.22
CA GLY B 203 -15.09 9.41 1.16
C GLY B 203 -13.94 10.41 1.21
N THR B 204 -13.74 11.09 0.10
CA THR B 204 -12.84 12.21 0.01
C THR B 204 -13.59 13.40 -0.55
N ARG B 205 -13.03 14.58 -0.32
CA ARG B 205 -13.68 15.81 -0.61
C ARG B 205 -12.55 16.77 -0.93
N ILE B 206 -12.73 17.56 -1.98
CA ILE B 206 -11.73 18.54 -2.42
C ILE B 206 -12.16 19.98 -2.08
N LEU B 207 -11.28 20.70 -1.42
CA LEU B 207 -11.59 22.05 -0.98
C LEU B 207 -10.47 23.03 -1.36
N ASP B 208 -10.78 24.33 -1.23
CA ASP B 208 -9.81 25.40 -1.43
C ASP B 208 -9.32 25.91 -0.07
N GLY B 209 -7.99 26.03 0.08
CA GLY B 209 -7.35 26.45 1.32
C GLY B 209 -7.97 27.58 2.15
N SER B 210 -9.06 28.17 1.64
CA SER B 210 -9.78 29.27 2.29
C SER B 210 -11.27 29.31 1.93
N GLY B 217 -21.33 19.73 11.41
CA GLY B 217 -21.28 18.99 12.69
C GLY B 217 -20.80 17.54 12.47
N ARG B 218 -19.50 17.31 12.61
CA ARG B 218 -18.89 16.02 12.32
C ARG B 218 -17.80 15.77 13.35
N ILE B 219 -17.15 14.61 13.30
CA ILE B 219 -16.02 14.40 14.20
C ILE B 219 -14.77 14.84 13.48
N GLY B 220 -14.16 15.90 13.99
CA GLY B 220 -13.06 16.53 13.29
C GLY B 220 -11.74 15.88 13.64
N LEU B 221 -10.69 16.27 12.91
CA LEU B 221 -9.35 15.81 13.20
C LEU B 221 -8.87 16.13 14.59
N SER B 222 -9.25 17.28 15.10
CA SER B 222 -8.78 17.72 16.41
C SER B 222 -9.44 17.01 17.57
N LYS B 223 -10.52 16.25 17.38
CA LYS B 223 -11.05 15.43 18.50
C LYS B 223 -10.28 14.16 18.62
N SER B 224 -9.79 13.89 19.82
CA SER B 224 -8.80 12.82 19.99
C SER B 224 -9.45 11.44 20.15
N LEU B 225 -10.75 11.43 20.54
CA LEU B 225 -11.57 10.25 20.73
C LEU B 225 -11.16 9.29 21.77
N ILE B 226 -9.86 9.03 21.91
CA ILE B 226 -9.47 8.13 22.97
C ILE B 226 -8.97 8.99 24.12
N ALA B 227 -9.60 8.86 25.27
CA ALA B 227 -9.39 9.81 26.41
C ALA B 227 -7.92 9.85 26.91
N THR B 228 -7.24 8.70 26.81
CA THR B 228 -5.87 8.57 27.34
C THR B 228 -4.84 9.42 26.61
N TYR B 229 -5.18 10.02 25.45
CA TYR B 229 -4.31 11.06 24.85
C TYR B 229 -4.19 12.32 25.65
N SER B 230 -5.21 12.60 26.46
CA SER B 230 -5.15 13.74 27.37
C SER B 230 -3.97 13.63 28.35
N ASN B 231 -3.62 12.42 28.80
CA ASN B 231 -2.40 12.24 29.61
C ASN B 231 -1.20 12.99 29.02
N VAL B 232 -0.83 12.61 27.78
CA VAL B 232 0.30 13.16 27.04
C VAL B 232 0.40 14.67 27.17
N PRO B 239 -0.87 17.77 18.17
CA PRO B 239 -1.90 17.00 18.91
C PRO B 239 -1.53 15.54 18.84
N ALA B 240 -1.39 14.93 20.02
CA ALA B 240 -0.79 13.62 20.17
C ALA B 240 -1.52 12.57 19.39
N HIS B 241 -2.83 12.77 19.11
CA HIS B 241 -3.54 11.69 18.43
C HIS B 241 -3.35 11.76 16.91
N LEU B 242 -2.60 12.76 16.44
CA LEU B 242 -2.37 12.93 15.00
C LEU B 242 -0.97 12.66 14.63
N GLU B 243 -0.73 12.27 13.39
CA GLU B 243 0.64 12.25 12.89
C GLU B 243 0.73 13.13 11.67
N GLN B 244 1.96 13.47 11.29
CA GLN B 244 2.16 14.42 10.22
C GLN B 244 3.28 14.03 9.32
N ARG B 245 3.06 14.12 8.02
CA ARG B 245 4.10 13.88 7.04
C ARG B 245 4.17 15.05 6.05
N LYS B 246 5.40 15.42 5.67
CA LYS B 246 5.69 16.47 4.68
C LYS B 246 6.66 15.94 3.67
N ILE B 247 6.34 16.12 2.39
CA ILE B 247 7.28 15.66 1.38
C ILE B 247 8.38 16.71 1.23
N THR B 248 9.60 16.25 0.90
CA THR B 248 10.62 17.19 0.43
C THR B 248 10.08 18.12 -0.71
N PRO B 249 10.01 19.43 -0.45
CA PRO B 249 9.47 20.42 -1.39
C PRO B 249 10.31 20.52 -2.67
N ILE B 250 9.68 20.87 -3.77
CA ILE B 250 10.39 20.94 -5.03
C ILE B 250 10.52 22.43 -5.34
N ARG B 251 11.78 22.89 -5.44
CA ARG B 251 12.07 24.33 -5.63
C ARG B 251 11.87 24.66 -7.08
N THR B 252 11.15 25.75 -7.32
CA THR B 252 10.87 26.23 -8.67
C THR B 252 10.74 27.76 -8.66
N LYS B 253 10.89 28.35 -9.84
CA LYS B 253 10.88 29.78 -9.97
C LYS B 253 9.54 30.48 -9.68
N PHE B 254 8.41 29.75 -9.70
CA PHE B 254 7.15 30.32 -9.17
C PHE B 254 6.99 30.09 -7.67
N GLY B 255 8.02 29.49 -7.03
CA GLY B 255 7.95 29.05 -5.64
C GLY B 255 8.23 27.58 -5.35
N SER B 256 7.72 27.10 -4.22
CA SER B 256 8.02 25.75 -3.76
C SER B 256 6.79 24.90 -3.84
N LEU B 257 6.95 23.70 -4.43
CA LEU B 257 5.86 22.69 -4.39
C LEU B 257 5.95 21.92 -3.10
N ARG B 258 4.90 22.03 -2.30
CA ARG B 258 4.87 21.43 -0.97
C ARG B 258 3.61 20.61 -0.85
N ILE B 259 3.83 19.39 -0.36
CA ILE B 259 2.79 18.46 0.03
C ILE B 259 3.04 17.94 1.42
N SER B 260 1.95 18.01 2.18
CA SER B 260 1.96 17.48 3.54
C SER B 260 0.62 16.78 3.89
N VAL B 261 0.60 15.96 4.91
CA VAL B 261 -0.64 15.33 5.37
C VAL B 261 -0.66 15.23 6.89
N SER B 262 -1.84 15.49 7.47
CA SER B 262 -2.10 15.16 8.85
C SER B 262 -3.17 14.10 8.92
N TYR B 263 -2.96 13.17 9.82
CA TYR B 263 -3.87 12.05 9.88
C TYR B 263 -3.99 11.50 11.26
N ARG B 264 -5.17 10.97 11.55
CA ARG B 264 -5.49 10.28 12.81
C ARG B 264 -4.64 9.02 12.90
N LYS B 265 -3.86 8.88 13.96
CA LYS B 265 -3.09 7.63 14.12
C LYS B 265 -3.96 6.38 14.30
N ASP B 266 -5.10 6.48 15.01
CA ASP B 266 -5.88 5.27 15.34
C ASP B 266 -7.05 5.19 14.39
N CYS B 267 -7.13 4.10 13.62
CA CYS B 267 -8.16 3.93 12.63
C CYS B 267 -8.93 2.66 12.78
N ASP B 268 -8.82 2.01 13.92
CA ASP B 268 -9.48 0.72 14.09
C ASP B 268 -10.97 0.85 14.56
N PHE B 269 -11.81 1.37 13.68
CA PHE B 269 -13.23 1.64 13.97
C PHE B 269 -14.17 0.44 13.80
N HIS B 270 -15.22 0.35 14.61
CA HIS B 270 -16.24 -0.73 14.45
C HIS B 270 -17.63 -0.21 14.55
N VAL B 271 -18.54 -1.01 14.01
CA VAL B 271 -19.95 -0.72 14.08
C VAL B 271 -20.71 -1.88 14.72
N ASN B 272 -21.42 -1.56 15.78
CA ASN B 272 -22.26 -2.48 16.50
C ASN B 272 -23.61 -1.84 16.79
#